data_6AG7
#
_entry.id   6AG7
#
_cell.length_a   120.940
_cell.length_b   120.940
_cell.length_c   42.795
_cell.angle_alpha   90.00
_cell.angle_beta   90.00
_cell.angle_gamma   120.00
#
_symmetry.space_group_name_H-M   'H 3'
#
loop_
_entity.id
_entity.type
_entity.pdbx_description
1 polymer 'Urokinase-type plasminogen activator'
2 non-polymer 3,5-diamino-N-carbamimidoyl-6-(1-methyl-1H-pyrazol-4-yl)pyrazine-2-carboxamide
3 water water
#
_entity_poly.entity_id   1
_entity_poly.type   'polypeptide(L)'
_entity_poly.pdbx_seq_one_letter_code
;IIGGEFTTIENQPWFAAIYRRHRGGSVTYVCGGSLISPCWVISATHCFIDYPKKEDYIVYLGRSRLNSNTQGEMKFEVEN
LILHKDYSADTLAHHNDIALLKIRSKEGRCAQPSRTIQTIALPSMYNDPQFGTSCEITGFGKEQSTDYLYPEQLKMTVVK
LISHRECQQPHYYGSEVTTKMLCAADPQWKTDSCQGDSGGPLVCSLQGRMTLTGIVSWGRGCALKDKPGVYTRVSHFLPW
IRSHT
;
_entity_poly.pdbx_strand_id   U
#
# COMPACT_ATOMS: atom_id res chain seq x y z
N ILE A 1 -2.02 -2.69 10.72
CA ILE A 1 -2.60 -4.05 10.50
C ILE A 1 -3.24 -4.50 11.80
N ILE A 2 -4.54 -4.76 11.74
CA ILE A 2 -5.31 -5.29 12.87
C ILE A 2 -5.15 -6.81 12.87
N GLY A 3 -4.75 -7.39 13.99
CA GLY A 3 -4.44 -8.82 14.06
C GLY A 3 -3.22 -9.20 13.22
N GLY A 4 -3.24 -10.36 12.59
CA GLY A 4 -2.08 -10.84 11.83
C GLY A 4 -0.88 -11.08 12.70
N GLU A 5 0.30 -10.87 12.14
CA GLU A 5 1.53 -11.28 12.81
C GLU A 5 2.63 -10.27 12.52
N PHE A 6 3.56 -10.13 13.45
CA PHE A 6 4.78 -9.38 13.17
C PHE A 6 5.64 -10.10 12.13
N THR A 7 6.43 -9.32 11.40
CA THR A 7 7.23 -9.83 10.30
C THR A 7 8.47 -8.94 10.16
N THR A 8 9.30 -9.25 9.19
CA THR A 8 10.45 -8.42 8.84
C THR A 8 10.49 -8.24 7.33
N ILE A 9 11.31 -7.31 6.89
CA ILE A 9 11.35 -6.92 5.48
C ILE A 9 11.71 -8.08 4.54
N GLU A 10 12.42 -9.09 5.04
CA GLU A 10 12.75 -10.27 4.23
C GLU A 10 11.52 -10.98 3.70
N ASN A 11 10.42 -10.93 4.44
CA ASN A 11 9.15 -11.52 4.01
C ASN A 11 8.27 -10.63 3.11
N GLN A 12 8.70 -9.39 2.88
CA GLN A 12 8.03 -8.49 1.96
C GLN A 12 9.05 -7.46 1.45
N PRO A 13 10.10 -7.94 0.73
CA PRO A 13 11.27 -7.10 0.39
C PRO A 13 11.05 -5.95 -0.60
N TRP A 14 9.85 -5.87 -1.17
CA TRP A 14 9.41 -4.75 -2.01
C TRP A 14 8.71 -3.64 -1.22
N PHE A 15 8.49 -3.84 0.07
CA PHE A 15 7.77 -2.86 0.88
C PHE A 15 8.61 -1.58 1.07
N ALA A 16 8.01 -0.45 0.75
CA ALA A 16 8.65 0.86 0.90
C ALA A 16 7.99 1.60 2.05
N ALA A 17 8.82 2.17 2.93
CA ALA A 17 8.36 2.98 4.05
C ALA A 17 8.55 4.45 3.69
N ILE A 18 7.44 5.20 3.63
CA ILE A 18 7.44 6.58 3.17
C ILE A 18 7.14 7.54 4.33
N TYR A 19 8.02 8.52 4.52
CA TYR A 19 7.93 9.49 5.60
C TYR A 19 7.92 10.91 5.04
N ARG A 20 7.51 11.88 5.85
CA ARG A 20 7.52 13.29 5.45
C ARG A 20 8.33 14.13 6.41
N ARG A 21 9.15 15.01 5.88
CA ARG A 21 9.86 15.99 6.70
C ARG A 21 8.98 17.17 6.96
N HIS A 22 8.91 17.60 8.21
CA HIS A 22 8.34 18.87 8.58
C HIS A 22 9.39 19.99 8.48
N ARG A 23 8.98 21.21 8.16
CA ARG A 23 8.23 22.11 8.97
C ARG A 23 9.01 22.34 10.26
N GLY A 24 10.32 22.49 10.17
CA GLY A 24 11.14 22.40 11.35
C GLY A 24 11.91 21.10 11.58
N GLY A 25 11.70 20.13 10.72
CA GLY A 25 12.59 19.00 10.66
C GLY A 25 12.39 17.69 11.40
N SER A 26 11.28 17.56 12.10
CA SER A 26 10.85 16.24 12.50
C SER A 26 10.41 15.46 11.25
N VAL A 27 10.59 14.15 11.28
CA VAL A 27 10.17 13.25 10.24
C VAL A 27 9.17 12.29 10.83
N THR A 28 8.02 12.13 10.17
CA THR A 28 6.92 11.28 10.61
C THR A 28 6.53 10.33 9.48
N TYR A 29 6.01 9.16 9.84
CA TYR A 29 5.58 8.18 8.85
C TYR A 29 4.30 8.62 8.16
N VAL A 30 4.22 8.38 6.86
CA VAL A 30 3.08 8.77 6.04
C VAL A 30 2.30 7.52 5.62
N CYS A 31 2.94 6.65 4.85
CA CYS A 31 2.26 5.56 4.16
C CYS A 31 3.27 4.51 3.69
N GLY A 32 2.75 3.33 3.35
CA GLY A 32 3.50 2.28 2.67
C GLY A 32 3.54 2.49 1.16
N GLY A 33 4.31 1.63 0.51
CA GLY A 33 4.40 1.60 -0.96
C GLY A 33 5.07 0.30 -1.39
N SER A 34 5.16 0.07 -2.70
CA SER A 34 5.77 -1.14 -3.24
C SER A 34 6.75 -0.82 -4.37
N LEU A 35 7.91 -1.44 -4.32
CA LEU A 35 8.95 -1.23 -5.32
C LEU A 35 8.61 -2.09 -6.52
N ILE A 36 8.29 -1.45 -7.65
CA ILE A 36 7.94 -2.14 -8.89
C ILE A 36 9.09 -2.17 -9.91
N SER A 37 10.10 -1.31 -9.72
CA SER A 37 11.35 -1.40 -10.46
C SER A 37 12.40 -0.66 -9.64
N PRO A 38 13.69 -0.77 -10.02
CA PRO A 38 14.72 -0.12 -9.21
C PRO A 38 14.45 1.35 -8.86
N CYS A 39 13.88 2.13 -9.79
CA CYS A 39 13.68 3.57 -9.57
C CYS A 39 12.25 3.98 -9.19
N TRP A 40 11.31 3.04 -9.10
CA TRP A 40 9.89 3.38 -8.99
C TRP A 40 9.17 2.65 -7.86
N VAL A 41 8.57 3.46 -6.97
CA VAL A 41 7.70 2.96 -5.92
C VAL A 41 6.25 3.37 -6.21
N ILE A 42 5.32 2.45 -6.02
CA ILE A 42 3.90 2.71 -6.24
C ILE A 42 3.16 2.76 -4.90
N SER A 43 2.23 3.71 -4.77
CA SER A 43 1.55 3.97 -3.50
C SER A 43 0.14 4.52 -3.79
N ALA A 44 -0.46 5.22 -2.83
CA ALA A 44 -1.79 5.81 -2.98
C ALA A 44 -1.67 7.34 -3.03
N THR A 45 -2.42 7.98 -3.93
CA THR A 45 -2.48 9.46 -4.02
C THR A 45 -2.93 10.13 -2.73
N HIS A 46 -3.91 9.56 -2.02
CA HIS A 46 -4.43 10.22 -0.80
C HIS A 46 -3.36 10.43 0.26
N CYS A 47 -2.30 9.62 0.23
CA CYS A 47 -1.15 9.82 1.12
C CYS A 47 -0.45 11.16 0.96
N PHE A 48 -0.45 11.73 -0.25
CA PHE A 48 0.36 12.89 -0.58
C PHE A 48 -0.44 14.16 -0.94
N ILE A 49 -1.75 14.02 -1.10
CA ILE A 49 -2.58 15.06 -1.73
C ILE A 49 -2.59 16.38 -0.92
N ASP A 50 -2.52 16.28 0.41
CA ASP A 50 -2.46 17.46 1.28
C ASP A 50 -1.10 18.15 1.31
N TYR A 51 -0.03 17.41 1.02
CA TYR A 51 1.32 17.97 0.92
C TYR A 51 1.98 17.48 -0.36
N PRO A 52 1.56 18.03 -1.53
CA PRO A 52 1.98 17.45 -2.82
C PRO A 52 3.39 17.82 -3.32
N LYS A 53 4.27 18.28 -2.43
CA LYS A 53 5.63 18.68 -2.80
C LYS A 53 6.61 17.51 -2.57
N LYS A 54 7.25 17.06 -3.64
CA LYS A 54 8.19 15.91 -3.61
C LYS A 54 9.38 16.05 -2.67
N GLU A 55 9.85 17.27 -2.44
CA GLU A 55 11.00 17.51 -1.55
C GLU A 55 10.69 17.26 -0.07
N ASP A 56 9.42 17.17 0.28
CA ASP A 56 9.00 16.89 1.65
C ASP A 56 9.13 15.43 2.07
N TYR A 57 9.38 14.51 1.14
CA TYR A 57 9.30 13.07 1.42
C TYR A 57 10.62 12.33 1.37
N ILE A 58 10.70 11.27 2.19
CA ILE A 58 11.83 10.36 2.25
C ILE A 58 11.26 8.95 2.10
N VAL A 59 11.96 8.10 1.34
CA VAL A 59 11.53 6.72 1.11
C VAL A 59 12.66 5.80 1.57
N TYR A 60 12.30 4.81 2.39
CA TYR A 60 13.23 3.75 2.79
C TYR A 60 12.84 2.44 2.15
N LEU A 61 13.85 1.70 1.68
CA LEU A 61 13.69 0.30 1.32
C LEU A 61 14.51 -0.55 2.28
N GLY A 62 14.13 -1.81 2.45
CA GLY A 62 14.83 -2.73 3.34
C GLY A 62 14.68 -2.41 4.81
N ARG A 63 13.56 -1.78 5.18
CA ARG A 63 13.31 -1.32 6.54
C ARG A 63 12.23 -2.18 7.21
N SER A 64 12.55 -2.74 8.38
CA SER A 64 11.61 -3.60 9.15
C SER A 64 11.03 -2.90 10.38
N ARG A 65 11.56 -1.73 10.75
CA ARG A 65 11.08 -1.01 11.93
C ARG A 65 10.84 0.46 11.63
N LEU A 66 9.90 1.04 12.37
CA LEU A 66 9.32 2.34 12.03
C LEU A 66 10.28 3.50 12.33
N ASN A 67 10.81 3.51 13.55
CA ASN A 67 11.59 4.65 14.06
C ASN A 67 13.02 4.28 14.46
N SER A 68 13.48 3.11 14.02
CA SER A 68 14.88 2.73 14.16
C SER A 68 15.35 2.15 12.84
N ASN A 69 16.64 2.27 12.58
CA ASN A 69 17.20 1.81 11.31
C ASN A 69 17.30 0.28 11.29
N THR A 70 17.16 -0.29 10.09
CA THR A 70 17.38 -1.71 9.86
C THR A 70 18.70 -1.84 9.11
N GLN A 71 19.49 -2.84 9.51
CA GLN A 71 20.76 -3.10 8.84
C GLN A 71 20.48 -3.41 7.37
N GLY A 72 21.21 -2.72 6.49
CA GLY A 72 21.08 -2.92 5.04
C GLY A 72 20.04 -2.04 4.35
N GLU A 73 19.33 -1.20 5.09
CA GLU A 73 18.30 -0.33 4.49
C GLU A 73 18.91 0.70 3.52
N MET A 74 18.08 1.21 2.61
CA MET A 74 18.49 2.32 1.74
C MET A 74 17.49 3.46 1.86
N LYS A 75 18.01 4.68 1.83
CA LYS A 75 17.23 5.90 1.98
C LYS A 75 17.25 6.67 0.67
N PHE A 76 16.09 7.18 0.27
CA PHE A 76 15.92 7.86 -1.01
C PHE A 76 15.16 9.17 -0.86
N GLU A 77 15.56 10.15 -1.67
CA GLU A 77 14.74 11.33 -1.94
C GLU A 77 13.78 11.00 -3.08
N VAL A 78 12.75 11.83 -3.26
CA VAL A 78 11.75 11.63 -4.30
C VAL A 78 12.04 12.56 -5.47
N GLU A 79 12.62 12.00 -6.52
CA GLU A 79 12.92 12.73 -7.74
C GLU A 79 11.63 13.12 -8.49
N ASN A 80 10.56 12.38 -8.27
CA ASN A 80 9.33 12.58 -9.00
C ASN A 80 8.14 12.09 -8.18
N LEU A 81 7.16 12.95 -7.93
CA LEU A 81 5.91 12.55 -7.28
C LEU A 81 4.77 12.69 -8.28
N ILE A 82 4.23 11.56 -8.73
CA ILE A 82 3.17 11.55 -9.74
C ILE A 82 1.86 11.07 -9.12
N LEU A 83 0.89 11.97 -9.02
CA LEU A 83 -0.42 11.68 -8.50
C LEU A 83 -1.37 11.52 -9.66
N HIS A 84 -2.46 10.77 -9.47
CA HIS A 84 -3.37 10.44 -10.56
C HIS A 84 -4.29 11.64 -10.80
N LYS A 85 -4.26 12.16 -12.03
CA LYS A 85 -5.08 13.32 -12.46
C LYS A 85 -6.58 13.23 -12.15
N ASP A 86 -7.14 12.03 -12.27
CA ASP A 86 -8.56 11.76 -11.95
C ASP A 86 -8.88 11.35 -10.51
N TYR A 87 -7.98 11.61 -9.59
CA TYR A 87 -8.22 11.35 -8.17
C TYR A 87 -9.46 12.12 -7.69
N SER A 88 -10.25 11.50 -6.85
CA SER A 88 -11.32 12.20 -6.15
C SER A 88 -11.53 11.57 -4.78
N ALA A 89 -11.98 12.35 -3.85
CA ALA A 89 -12.31 11.79 -2.60
C ALA A 89 -13.74 12.08 -2.20
N ASP A 90 -14.43 11.01 -1.87
CA ASP A 90 -15.76 10.96 -1.33
C ASP A 90 -15.62 11.18 0.11
N THR A 91 -16.68 10.98 0.87
CA THR A 91 -16.52 10.91 2.31
C THR A 91 -15.68 9.71 2.72
N LEU A 92 -15.91 8.58 2.08
CA LEU A 92 -15.20 7.37 2.37
C LEU A 92 -14.25 7.03 1.26
N ALA A 93 -14.79 6.91 0.09
CA ALA A 93 -14.10 6.31 -0.99
C ALA A 93 -13.15 7.28 -1.59
N HIS A 94 -12.03 6.78 -2.02
CA HIS A 94 -11.07 7.52 -2.84
C HIS A 94 -11.08 6.86 -4.21
N HIS A 95 -11.24 7.64 -5.26
CA HIS A 95 -11.20 7.11 -6.62
C HIS A 95 -9.83 7.33 -7.23
N ASN A 96 -9.38 6.39 -8.06
CA ASN A 96 -8.06 6.45 -8.69
C ASN A 96 -6.96 6.72 -7.67
N ASP A 97 -6.98 5.96 -6.58
CA ASP A 97 -6.11 6.23 -5.45
C ASP A 97 -4.79 5.51 -5.71
N ILE A 98 -3.99 6.12 -6.59
CA ILE A 98 -2.74 5.53 -7.08
C ILE A 98 -1.73 6.65 -7.35
N ALA A 99 -0.47 6.38 -7.02
CA ALA A 99 0.61 7.36 -7.09
C ALA A 99 1.91 6.65 -7.36
N LEU A 100 2.82 7.33 -8.07
CA LEU A 100 4.14 6.83 -8.39
C LEU A 100 5.18 7.79 -7.83
N LEU A 101 6.20 7.23 -7.18
CA LEU A 101 7.32 7.99 -6.66
C LEU A 101 8.59 7.49 -7.35
N LYS A 102 9.28 8.37 -8.09
CA LYS A 102 10.59 8.03 -8.65
C LYS A 102 11.64 8.31 -7.59
N ILE A 103 12.41 7.29 -7.24
CA ILE A 103 13.34 7.39 -6.11
C ILE A 103 14.78 7.56 -6.58
N ARG A 104 15.50 8.42 -5.90
CA ARG A 104 16.90 8.57 -6.17
C ARG A 104 17.65 8.96 -4.90
N SER A 105 18.80 8.35 -4.68
CA SER A 105 19.59 8.63 -3.48
C SER A 105 20.37 9.91 -3.59
N LYS A 106 21.01 10.32 -2.52
CA LYS A 106 21.86 11.47 -2.57
C LYS A 106 23.07 11.28 -3.48
N GLU A 107 23.43 10.05 -3.73
CA GLU A 107 24.49 9.67 -4.64
C GLU A 107 23.93 9.43 -6.03
N GLY A 108 22.67 9.81 -6.22
CA GLY A 108 21.99 9.64 -7.47
C GLY A 108 21.75 8.25 -7.97
N ARG A 109 21.50 7.34 -7.06
CA ARG A 109 21.25 5.98 -7.45
C ARG A 109 19.87 5.52 -7.09
N CYS A 110 19.41 4.55 -7.85
CA CYS A 110 18.17 3.88 -7.63
C CYS A 110 18.34 2.68 -6.64
N ALA A 111 17.34 1.84 -6.47
CA ALA A 111 17.46 0.68 -5.59
C ALA A 111 18.38 -0.41 -6.17
N GLN A 112 19.36 -0.84 -5.36
CA GLN A 112 20.13 -2.06 -5.58
C GLN A 112 19.48 -3.28 -4.88
N PRO A 113 18.95 -4.26 -5.66
CA PRO A 113 18.34 -5.41 -5.00
C PRO A 113 19.30 -6.20 -4.10
N SER A 114 18.77 -6.67 -2.96
CA SER A 114 19.55 -7.39 -1.97
C SER A 114 18.66 -8.44 -1.32
N ARG A 115 19.11 -9.03 -0.21
CA ARG A 115 18.24 -9.95 0.53
C ARG A 115 17.01 -9.23 1.11
N THR A 116 17.15 -7.94 1.42
CA THR A 116 16.09 -7.15 2.05
C THR A 116 15.33 -6.23 1.08
N ILE A 117 15.72 -6.21 -0.19
CA ILE A 117 15.19 -5.27 -1.19
C ILE A 117 15.04 -6.00 -2.54
N GLN A 118 13.80 -6.18 -3.00
CA GLN A 118 13.49 -6.81 -4.28
C GLN A 118 12.28 -6.11 -4.87
N THR A 119 12.04 -6.28 -6.16
CA THR A 119 10.84 -5.73 -6.81
C THR A 119 9.69 -6.73 -6.75
N ILE A 120 8.46 -6.24 -6.88
CA ILE A 120 7.26 -7.08 -6.98
C ILE A 120 6.71 -6.93 -8.38
N ALA A 121 6.26 -8.04 -8.96
CA ALA A 121 5.66 -8.06 -10.28
C ALA A 121 4.26 -7.41 -10.30
N LEU A 122 3.99 -6.68 -11.38
CA LEU A 122 2.64 -6.19 -11.64
C LEU A 122 1.82 -7.32 -12.23
N PRO A 123 0.48 -7.29 -12.09
CA PRO A 123 -0.35 -8.30 -12.72
C PRO A 123 -0.46 -8.07 -14.23
N SER A 124 -0.93 -9.08 -14.95
CA SER A 124 -1.32 -8.89 -16.36
C SER A 124 -2.69 -8.24 -16.36
N MET A 125 -3.00 -7.49 -17.42
CA MET A 125 -4.16 -6.60 -17.41
C MET A 125 -5.46 -7.35 -17.19
N TYR A 126 -6.34 -6.75 -16.39
CA TYR A 126 -7.67 -7.29 -16.10
C TYR A 126 -7.65 -8.75 -15.60
N ASN A 127 -6.52 -9.18 -15.01
CA ASN A 127 -6.33 -10.54 -14.53
C ASN A 127 -6.08 -10.52 -13.03
N ASP A 128 -7.13 -10.81 -12.27
CA ASP A 128 -7.08 -10.90 -10.81
C ASP A 128 -7.49 -12.32 -10.40
N PRO A 129 -7.14 -12.71 -9.17
CA PRO A 129 -7.62 -14.02 -8.68
C PRO A 129 -9.12 -14.00 -8.41
N GLN A 130 -9.73 -15.17 -8.37
CA GLN A 130 -11.17 -15.28 -8.08
C GLN A 130 -11.48 -14.94 -6.62
N PHE A 131 -12.75 -14.60 -6.37
CA PHE A 131 -13.18 -14.27 -5.01
C PHE A 131 -12.97 -15.47 -4.08
N GLY A 132 -12.66 -15.18 -2.83
CA GLY A 132 -12.29 -16.22 -1.87
C GLY A 132 -10.82 -16.58 -1.86
N THR A 133 -10.04 -16.10 -2.84
CA THR A 133 -8.59 -16.29 -2.85
C THR A 133 -7.97 -15.53 -1.68
N SER A 134 -7.04 -16.18 -0.98
CA SER A 134 -6.32 -15.57 0.15
C SER A 134 -5.13 -14.78 -0.37
N CYS A 135 -5.02 -13.52 0.08
CA CYS A 135 -3.88 -12.66 -0.27
C CYS A 135 -3.32 -12.09 1.02
N GLU A 136 -2.15 -11.47 0.93
CA GLU A 136 -1.48 -10.90 2.10
C GLU A 136 -1.39 -9.37 1.99
N ILE A 137 -1.42 -8.71 3.14
CA ILE A 137 -1.24 -7.26 3.24
C ILE A 137 -0.17 -6.97 4.27
N THR A 138 0.58 -5.90 4.06
CA THR A 138 1.74 -5.56 4.89
C THR A 138 1.75 -4.08 5.23
N GLY A 139 2.15 -3.74 6.44
CA GLY A 139 2.30 -2.34 6.80
C GLY A 139 2.64 -2.05 8.25
N PHE A 140 2.91 -0.78 8.50
CA PHE A 140 3.20 -0.20 9.82
C PHE A 140 1.97 0.49 10.43
N GLY A 141 0.77 0.25 9.89
CA GLY A 141 -0.44 0.90 10.38
C GLY A 141 -0.90 0.41 11.75
N LYS A 142 -1.92 1.06 12.28
CA LYS A 142 -2.44 0.78 13.63
C LYS A 142 -2.79 -0.68 13.84
N GLU A 143 -2.55 -1.18 15.06
CA GLU A 143 -2.91 -2.54 15.48
C GLU A 143 -4.30 -2.62 16.07
N GLN A 144 -4.83 -1.47 16.49
CA GLN A 144 -6.21 -1.35 16.92
C GLN A 144 -6.71 0.02 16.49
N SER A 145 -7.99 0.10 16.15
CA SER A 145 -8.59 1.35 15.70
C SER A 145 -8.44 2.47 16.74
N THR A 146 -8.51 2.11 18.02
CA THR A 146 -8.38 3.08 19.13
C THR A 146 -6.93 3.48 19.48
N ASP A 147 -5.94 2.79 18.90
CA ASP A 147 -4.53 3.11 19.19
C ASP A 147 -4.17 4.51 18.76
N TYR A 148 -3.29 5.12 19.55
CA TYR A 148 -2.69 6.41 19.21
C TYR A 148 -1.40 6.21 18.45
N LEU A 149 -0.62 5.19 18.84
CA LEU A 149 0.68 4.90 18.21
C LEU A 149 0.53 3.92 17.05
N TYR A 150 1.51 3.95 16.16
CA TYR A 150 1.74 2.89 15.18
C TYR A 150 2.71 1.87 15.76
N PRO A 151 2.60 0.59 15.35
CA PRO A 151 3.57 -0.41 15.80
C PRO A 151 4.97 -0.08 15.30
N GLU A 152 5.96 -0.40 16.12
CA GLU A 152 7.36 -0.14 15.79
C GLU A 152 7.92 -1.21 14.85
N GLN A 153 7.29 -2.39 14.82
CA GLN A 153 7.72 -3.53 14.00
C GLN A 153 6.70 -3.77 12.88
N LEU A 154 7.20 -4.08 11.69
CA LEU A 154 6.36 -4.33 10.52
C LEU A 154 5.43 -5.51 10.76
N LYS A 155 4.22 -5.43 10.21
CA LYS A 155 3.22 -6.49 10.35
C LYS A 155 2.69 -6.95 8.99
N MET A 156 2.12 -8.15 8.98
CA MET A 156 1.37 -8.63 7.84
C MET A 156 0.24 -9.54 8.29
N THR A 157 -0.74 -9.72 7.42
CA THR A 157 -1.85 -10.62 7.69
C THR A 157 -2.40 -11.11 6.36
N VAL A 158 -3.41 -11.97 6.45
CA VAL A 158 -4.07 -12.57 5.31
C VAL A 158 -5.50 -12.10 5.29
N VAL A 159 -5.99 -11.74 4.11
CA VAL A 159 -7.41 -11.47 3.88
C VAL A 159 -7.84 -12.12 2.58
N LYS A 160 -9.14 -12.38 2.47
CA LYS A 160 -9.73 -13.04 1.30
C LYS A 160 -10.45 -12.04 0.40
N LEU A 161 -10.20 -12.17 -0.90
CA LEU A 161 -10.85 -11.33 -1.92
C LEU A 161 -12.36 -11.51 -1.89
N ILE A 162 -13.08 -10.39 -1.98
CA ILE A 162 -14.53 -10.36 -1.97
C ILE A 162 -14.98 -9.89 -3.36
N SER A 163 -16.03 -10.50 -3.88
CA SER A 163 -16.51 -10.18 -5.21
C SER A 163 -17.10 -8.80 -5.27
N HIS A 164 -17.04 -8.19 -6.43
CA HIS A 164 -17.58 -6.88 -6.59
C HIS A 164 -19.04 -6.90 -6.23
N ARG A 165 -19.74 -7.97 -6.58
CA ARG A 165 -21.15 -8.02 -6.27
C ARG A 165 -21.46 -8.01 -4.81
N GLU A 166 -20.75 -8.79 -4.05
CA GLU A 166 -20.91 -8.79 -2.60
C GLU A 166 -20.55 -7.42 -1.99
N CYS A 167 -19.44 -6.83 -2.44
CA CYS A 167 -18.98 -5.55 -1.87
C CYS A 167 -19.91 -4.40 -2.24
N GLN A 168 -20.60 -4.51 -3.35
CA GLN A 168 -21.57 -3.55 -3.84
C GLN A 168 -22.82 -3.51 -3.02
N GLN A 169 -23.07 -4.54 -2.22
CA GLN A 169 -24.33 -4.60 -1.49
C GLN A 169 -24.40 -3.43 -0.56
N PRO A 170 -25.68 -2.94 -0.36
CA PRO A 170 -25.74 -1.77 0.53
C PRO A 170 -25.23 -2.00 1.92
N HIS A 171 -25.38 -3.21 2.40
CA HIS A 171 -24.99 -3.65 3.71
C HIS A 171 -23.47 -3.44 3.86
N TYR A 172 -22.77 -3.64 2.77
CA TYR A 172 -21.37 -3.37 2.68
C TYR A 172 -21.11 -1.93 2.29
N TYR A 173 -20.75 -1.67 1.06
CA TYR A 173 -20.37 -0.30 0.67
C TYR A 173 -21.25 0.37 -0.39
N GLY A 174 -22.33 -0.29 -0.82
CA GLY A 174 -23.19 0.27 -1.87
C GLY A 174 -22.41 0.55 -3.13
N SER A 175 -22.62 1.74 -3.73
CA SER A 175 -21.91 2.14 -4.94
C SER A 175 -20.61 2.92 -4.70
N GLU A 176 -20.20 3.06 -3.43
CA GLU A 176 -18.88 3.62 -3.11
C GLU A 176 -17.74 2.80 -3.77
N VAL A 177 -17.95 1.49 -3.90
CA VAL A 177 -17.00 0.60 -4.56
C VAL A 177 -17.25 0.51 -6.07
N THR A 178 -16.20 0.77 -6.86
CA THR A 178 -16.25 0.66 -8.33
C THR A 178 -15.47 -0.56 -8.80
N THR A 179 -15.51 -0.82 -10.11
CA THR A 179 -14.74 -1.93 -10.70
C THR A 179 -13.23 -1.69 -10.76
N LYS A 180 -12.80 -0.45 -10.53
CA LYS A 180 -11.38 -0.13 -10.31
C LYS A 180 -10.90 -0.32 -8.85
N MET A 181 -11.77 -0.84 -7.98
CA MET A 181 -11.43 -1.17 -6.59
C MET A 181 -11.63 -2.65 -6.33
N LEU A 182 -10.85 -3.20 -5.38
CA LEU A 182 -11.01 -4.57 -4.91
C LEU A 182 -11.31 -4.53 -3.43
N CYS A 183 -12.26 -5.37 -2.98
CA CYS A 183 -12.52 -5.54 -1.55
C CYS A 183 -11.83 -6.82 -1.07
N ALA A 184 -11.45 -6.82 0.21
CA ALA A 184 -10.83 -7.98 0.83
C ALA A 184 -11.03 -7.92 2.33
N ALA A 185 -11.26 -9.08 2.94
CA ALA A 185 -11.56 -9.15 4.37
C ALA A 185 -11.37 -10.54 4.95
N ASP A 186 -11.37 -10.59 6.27
CA ASP A 186 -11.35 -11.85 6.99
C ASP A 186 -12.79 -12.33 7.13
N PRO A 187 -13.03 -13.66 6.98
CA PRO A 187 -14.40 -14.19 7.20
C PRO A 187 -15.00 -13.87 8.58
N GLN A 188 -14.14 -13.83 9.61
CA GLN A 188 -14.54 -13.40 10.97
C GLN A 188 -14.40 -11.90 11.25
N TRP A 189 -13.97 -11.12 10.25
CA TRP A 189 -13.69 -9.67 10.40
C TRP A 189 -12.65 -9.38 11.50
N LYS A 190 -11.76 -10.34 11.69
CA LYS A 190 -10.83 -10.44 12.82
C LYS A 190 -9.51 -9.69 12.54
N THR A 191 -9.15 -9.57 11.26
CA THR A 191 -7.88 -8.97 10.84
C THR A 191 -8.12 -8.11 9.60
N ASP A 192 -7.33 -7.04 9.45
CA ASP A 192 -7.60 -6.03 8.44
C ASP A 192 -6.45 -5.03 8.34
N SER A 193 -6.44 -4.30 7.23
CA SER A 193 -5.66 -3.08 7.12
C SER A 193 -6.31 -1.97 7.96
N CYS A 194 -5.52 -0.94 8.29
CA CYS A 194 -5.99 0.21 9.05
C CYS A 194 -5.19 1.46 8.71
N GLN A 195 -5.50 2.57 9.41
CA GLN A 195 -4.80 3.84 9.25
C GLN A 195 -3.29 3.63 9.40
N GLY A 196 -2.53 4.17 8.45
CA GLY A 196 -1.09 3.94 8.37
C GLY A 196 -0.68 2.84 7.40
N ASP A 197 -1.59 1.92 7.06
CA ASP A 197 -1.33 0.89 6.04
C ASP A 197 -1.57 1.36 4.61
N SER A 198 -2.21 2.53 4.43
CA SER A 198 -2.51 3.07 3.10
C SER A 198 -1.26 3.09 2.24
N GLY A 199 -1.44 2.80 0.97
CA GLY A 199 -0.34 2.80 0.00
C GLY A 199 0.41 1.47 -0.09
N GLY A 200 0.26 0.60 0.91
CA GLY A 200 1.00 -0.67 0.95
C GLY A 200 0.42 -1.75 0.06
N PRO A 201 1.12 -2.91 -0.04
CA PRO A 201 0.77 -3.95 -1.00
C PRO A 201 -0.31 -4.93 -0.52
N LEU A 202 -1.21 -5.26 -1.43
CA LEU A 202 -2.00 -6.49 -1.35
C LEU A 202 -1.41 -7.41 -2.39
N VAL A 203 -0.83 -8.51 -1.93
CA VAL A 203 -0.08 -9.42 -2.78
C VAL A 203 -0.80 -10.76 -2.84
N CYS A 204 -1.03 -11.24 -4.07
CA CYS A 204 -1.63 -12.53 -4.31
C CYS A 204 -0.70 -13.38 -5.17
N SER A 205 -0.81 -14.71 -4.99
CA SER A 205 -0.06 -15.66 -5.79
C SER A 205 -0.91 -15.94 -7.02
N LEU A 206 -0.39 -15.60 -8.19
CA LEU A 206 -1.12 -15.83 -9.41
C LEU A 206 -0.21 -16.53 -10.37
N GLN A 207 -0.57 -17.74 -10.79
CA GLN A 207 0.28 -18.49 -11.70
C GLN A 207 1.62 -18.77 -11.08
N GLY A 208 1.64 -18.93 -9.77
CA GLY A 208 2.87 -19.26 -9.10
C GLY A 208 3.78 -18.08 -9.02
N ARG A 209 3.20 -16.92 -9.19
CA ARG A 209 4.01 -15.72 -9.08
C ARG A 209 3.39 -14.73 -8.09
N MET A 210 4.20 -14.18 -7.20
CA MET A 210 3.75 -13.15 -6.25
C MET A 210 3.51 -11.86 -7.04
N THR A 211 2.29 -11.33 -6.93
CA THR A 211 1.80 -10.26 -7.80
C THR A 211 1.16 -9.13 -7.00
N LEU A 212 1.56 -7.89 -7.29
CA LEU A 212 0.93 -6.71 -6.68
C LEU A 212 -0.50 -6.53 -7.21
N THR A 213 -1.45 -7.18 -6.55
CA THR A 213 -2.84 -7.16 -6.97
C THR A 213 -3.58 -5.88 -6.54
N GLY A 214 -3.21 -5.35 -5.38
CA GLY A 214 -3.90 -4.19 -4.82
C GLY A 214 -2.99 -3.27 -4.05
N ILE A 215 -3.47 -2.03 -3.84
CA ILE A 215 -2.80 -1.04 -3.01
C ILE A 215 -3.81 -0.62 -1.94
N VAL A 216 -3.39 -0.63 -0.68
CA VAL A 216 -4.32 -0.29 0.42
C VAL A 216 -4.84 1.14 0.20
N SER A 217 -6.17 1.30 0.18
CA SER A 217 -6.78 2.60 -0.14
C SER A 217 -7.69 3.13 0.97
N TRP A 218 -8.77 2.43 1.29
CA TRP A 218 -9.71 2.90 2.30
C TRP A 218 -10.56 1.83 2.94
N GLY A 219 -11.25 2.19 4.01
CA GLY A 219 -12.26 1.37 4.67
C GLY A 219 -13.10 2.15 5.63
N ARG A 220 -14.24 1.64 6.06
CA ARG A 220 -14.97 2.27 7.14
C ARG A 220 -14.52 1.58 8.38
N GLY A 221 -13.80 2.28 9.23
CA GLY A 221 -13.26 1.72 10.43
C GLY A 221 -12.16 0.73 10.08
N CYS A 222 -11.81 -0.12 11.01
CA CYS A 222 -10.94 -1.24 10.74
C CYS A 222 -11.44 -2.59 11.35
N ALA A 223 -11.40 -3.66 10.58
CA ALA A 223 -11.86 -4.95 11.07
C ALA A 223 -13.25 -4.83 11.72
N LEU A 224 -14.14 -4.13 11.01
CA LEU A 224 -15.55 -4.00 11.39
C LEU A 224 -16.36 -4.93 10.52
N LYS A 225 -17.36 -5.59 11.12
CA LYS A 225 -18.26 -6.47 10.38
C LYS A 225 -18.95 -5.71 9.23
N ASP A 226 -19.02 -6.38 8.09
CA ASP A 226 -19.58 -5.86 6.82
C ASP A 226 -18.86 -4.66 6.22
N LYS A 227 -17.61 -4.42 6.61
CA LYS A 227 -16.86 -3.26 6.13
C LYS A 227 -15.47 -3.74 5.72
N PRO A 228 -15.35 -4.34 4.53
CA PRO A 228 -14.04 -4.83 4.12
C PRO A 228 -13.00 -3.72 3.90
N GLY A 229 -11.75 -4.13 3.73
CA GLY A 229 -10.72 -3.23 3.26
C GLY A 229 -10.91 -3.03 1.77
N VAL A 230 -10.63 -1.82 1.30
CA VAL A 230 -10.75 -1.47 -0.11
C VAL A 230 -9.38 -1.08 -0.65
N TYR A 231 -9.11 -1.58 -1.85
CA TYR A 231 -7.80 -1.59 -2.45
C TYR A 231 -7.93 -1.09 -3.87
N THR A 232 -6.95 -0.31 -4.33
CA THR A 232 -6.89 0.10 -5.74
C THR A 232 -6.57 -1.14 -6.56
N ARG A 233 -7.35 -1.39 -7.60
CA ARG A 233 -7.22 -2.60 -8.39
C ARG A 233 -6.13 -2.40 -9.44
N VAL A 234 -4.93 -2.89 -9.14
CA VAL A 234 -3.71 -2.57 -9.93
C VAL A 234 -3.82 -3.01 -11.40
N SER A 235 -4.47 -4.14 -11.66
CA SER A 235 -4.65 -4.65 -13.04
C SER A 235 -5.53 -3.75 -13.93
N HIS A 236 -6.24 -2.78 -13.36
CA HIS A 236 -6.99 -1.77 -14.12
C HIS A 236 -6.23 -0.44 -14.34
N PHE A 237 -4.96 -0.37 -13.95
CA PHE A 237 -4.16 0.86 -14.10
C PHE A 237 -2.85 0.66 -14.85
N LEU A 238 -2.70 -0.47 -15.56
CA LEU A 238 -1.40 -0.77 -16.17
C LEU A 238 -0.96 0.25 -17.24
N PRO A 239 -1.89 0.76 -18.07
CA PRO A 239 -1.48 1.80 -19.02
C PRO A 239 -0.98 3.07 -18.34
N TRP A 240 -1.72 3.53 -17.32
CA TRP A 240 -1.30 4.67 -16.50
C TRP A 240 0.09 4.45 -15.90
N ILE A 241 0.33 3.25 -15.36
CA ILE A 241 1.64 2.91 -14.81
C ILE A 241 2.69 2.86 -15.92
N ARG A 242 2.36 2.16 -17.01
CA ARG A 242 3.22 2.09 -18.20
C ARG A 242 3.64 3.48 -18.65
N SER A 243 2.64 4.30 -18.96
CA SER A 243 2.86 5.64 -19.50
C SER A 243 3.75 6.46 -18.58
N HIS A 244 3.45 6.47 -17.28
CA HIS A 244 4.18 7.32 -16.33
C HIS A 244 5.54 6.80 -15.87
N THR A 245 5.88 5.55 -16.21
CA THR A 245 7.21 5.00 -15.97
C THR A 245 7.94 4.86 -17.30
#